data_6U7R
#
_entry.id   6U7R
#
_entity_poly.entity_id   1
_entity_poly.type   'polypeptide(L)'
_entity_poly.pdbx_seq_one_letter_code
;GKCLFSNPPICFPN
;
_entity_poly.pdbx_strand_id   A
#
# COMPACT_ATOMS: atom_id res chain seq x y z
N GLY A 1 -6.71 -0.49 -3.90
CA GLY A 1 -7.01 0.49 -2.88
C GLY A 1 -6.42 0.15 -1.52
N LYS A 2 -5.85 -1.03 -1.40
CA LYS A 2 -5.30 -1.46 -0.13
C LYS A 2 -3.88 -0.98 0.05
N CYS A 3 -3.64 -0.30 1.13
CA CYS A 3 -2.32 0.13 1.45
C CYS A 3 -1.76 -0.74 2.55
N LEU A 4 -0.59 -1.23 2.31
CA LEU A 4 0.11 -2.08 3.22
C LEU A 4 1.11 -1.24 3.98
N PHE A 5 1.14 -1.40 5.29
CA PHE A 5 2.07 -0.67 6.09
C PHE A 5 3.47 -1.16 5.79
N SER A 6 4.20 -0.32 5.17
CA SER A 6 5.55 -0.53 4.76
C SER A 6 6.12 0.84 4.57
N ASN A 7 7.35 0.94 4.16
CA ASN A 7 7.92 2.22 3.89
C ASN A 7 8.78 2.13 2.64
N PRO A 8 8.35 2.75 1.52
CA PRO A 8 7.08 3.49 1.43
C PRO A 8 5.87 2.55 1.41
N PRO A 9 4.72 2.98 1.99
CA PRO A 9 3.51 2.16 2.07
C PRO A 9 3.05 1.68 0.70
N ILE A 10 3.00 0.39 0.54
CA ILE A 10 2.64 -0.20 -0.71
C ILE A 10 1.15 -0.14 -0.87
N CYS A 11 0.71 0.72 -1.73
CA CYS A 11 -0.67 0.86 -2.01
C CYS A 11 -0.97 0.18 -3.31
N PHE A 12 -1.72 -0.87 -3.23
CA PHE A 12 -2.08 -1.67 -4.35
C PHE A 12 -3.20 -0.96 -5.13
N PRO A 13 -3.32 -1.21 -6.45
CA PRO A 13 -4.36 -0.58 -7.32
C PRO A 13 -5.79 -0.88 -6.85
N ASN A 14 -5.93 -1.90 -6.03
CA ASN A 14 -7.21 -2.29 -5.47
C ASN A 14 -7.60 -1.39 -4.29
N GLY A 1 -6.97 -0.47 -3.93
CA GLY A 1 -7.35 0.56 -3.02
C GLY A 1 -6.97 0.26 -1.60
N LYS A 2 -6.04 -0.64 -1.41
CA LYS A 2 -5.59 -1.00 -0.07
C LYS A 2 -4.08 -0.88 0.02
N CYS A 3 -3.61 -0.33 1.10
CA CYS A 3 -2.21 -0.09 1.28
C CYS A 3 -1.63 -0.98 2.39
N LEU A 4 -0.55 -1.62 2.08
CA LEU A 4 0.20 -2.39 3.03
C LEU A 4 1.18 -1.45 3.70
N PHE A 5 1.16 -1.39 5.01
CA PHE A 5 2.04 -0.49 5.70
C PHE A 5 3.47 -0.99 5.62
N SER A 6 4.31 -0.13 5.16
CA SER A 6 5.71 -0.34 4.98
C SER A 6 6.28 1.05 4.80
N ASN A 7 7.54 1.18 4.52
CA ASN A 7 8.07 2.48 4.21
C ASN A 7 8.97 2.42 2.99
N PRO A 8 8.51 2.94 1.82
CA PRO A 8 7.17 3.55 1.65
C PRO A 8 6.04 2.50 1.64
N PRO A 9 4.81 2.87 2.05
CA PRO A 9 3.67 1.94 2.07
C PRO A 9 3.35 1.46 0.66
N ILE A 10 3.02 0.20 0.53
CA ILE A 10 2.72 -0.34 -0.77
C ILE A 10 1.23 -0.26 -1.00
N CYS A 11 0.82 0.62 -1.84
CA CYS A 11 -0.57 0.78 -2.15
C CYS A 11 -0.91 0.03 -3.41
N PHE A 12 -1.73 -0.97 -3.25
CA PHE A 12 -2.14 -1.78 -4.35
C PHE A 12 -3.31 -1.09 -5.04
N PRO A 13 -3.40 -1.18 -6.38
CA PRO A 13 -4.48 -0.54 -7.18
C PRO A 13 -5.90 -0.92 -6.76
N ASN A 14 -6.03 -1.94 -5.91
CA ASN A 14 -7.34 -2.36 -5.40
C ASN A 14 -7.86 -1.34 -4.38
N GLY A 1 -7.12 -0.61 -3.87
CA GLY A 1 -7.46 0.32 -2.83
C GLY A 1 -7.07 -0.22 -1.49
N LYS A 2 -5.84 -0.69 -1.40
CA LYS A 2 -5.34 -1.26 -0.17
C LYS A 2 -3.86 -0.96 -0.05
N CYS A 3 -3.49 -0.34 1.04
CA CYS A 3 -2.11 0.00 1.28
C CYS A 3 -1.51 -0.89 2.33
N LEU A 4 -0.37 -1.42 2.01
CA LEU A 4 0.40 -2.21 2.93
C LEU A 4 1.26 -1.24 3.70
N PHE A 5 1.18 -1.28 5.01
CA PHE A 5 1.92 -0.36 5.83
C PHE A 5 3.37 -0.76 5.98
N SER A 6 4.11 -0.37 5.00
CA SER A 6 5.51 -0.53 4.94
C SER A 6 6.13 0.87 4.88
N ASN A 7 7.41 0.97 4.62
CA ASN A 7 8.03 2.25 4.45
C ASN A 7 9.04 2.15 3.30
N PRO A 8 8.73 2.73 2.13
CA PRO A 8 7.48 3.46 1.87
C PRO A 8 6.27 2.51 1.70
N PRO A 9 5.05 2.96 2.08
CA PRO A 9 3.83 2.15 1.97
C PRO A 9 3.54 1.73 0.53
N ILE A 10 3.07 0.53 0.37
CA ILE A 10 2.77 -0.01 -0.94
C ILE A 10 1.27 -0.02 -1.13
N CYS A 11 0.77 0.84 -1.97
CA CYS A 11 -0.64 0.90 -2.22
C CYS A 11 -0.98 0.16 -3.49
N PHE A 12 -1.82 -0.83 -3.36
CA PHE A 12 -2.23 -1.67 -4.46
C PHE A 12 -3.46 -1.07 -5.13
N PRO A 13 -3.61 -1.28 -6.46
CA PRO A 13 -4.71 -0.69 -7.28
C PRO A 13 -6.13 -1.09 -6.86
N ASN A 14 -6.25 -1.99 -5.92
CA ASN A 14 -7.56 -2.39 -5.42
C ASN A 14 -8.04 -1.41 -4.35
N GLY A 1 -7.01 -0.93 -3.82
CA GLY A 1 -7.49 0.01 -2.83
C GLY A 1 -6.90 -0.22 -1.45
N LYS A 2 -6.04 -1.21 -1.33
CA LYS A 2 -5.46 -1.51 -0.04
C LYS A 2 -4.02 -1.03 0.01
N CYS A 3 -3.66 -0.40 1.11
CA CYS A 3 -2.33 0.10 1.30
C CYS A 3 -1.59 -0.73 2.31
N LEU A 4 -0.41 -1.13 1.94
CA LEU A 4 0.45 -1.90 2.78
C LEU A 4 1.29 -0.95 3.62
N PHE A 5 1.15 -1.04 4.92
CA PHE A 5 1.91 -0.21 5.82
C PHE A 5 3.33 -0.73 5.91
N SER A 6 4.18 -0.08 5.20
CA SER A 6 5.57 -0.46 5.13
C SER A 6 6.38 0.80 4.91
N ASN A 7 7.65 0.65 4.63
CA ASN A 7 8.51 1.77 4.35
C ASN A 7 9.16 1.60 2.98
N PRO A 8 8.64 2.26 1.94
CA PRO A 8 7.45 3.11 1.99
C PRO A 8 6.16 2.28 1.85
N PRO A 9 4.99 2.85 2.21
CA PRO A 9 3.71 2.19 2.04
C PRO A 9 3.43 1.88 0.58
N ILE A 10 2.89 0.73 0.34
CA ILE A 10 2.57 0.33 -1.00
C ILE A 10 1.07 0.27 -1.16
N CYS A 11 0.53 1.20 -1.86
CA CYS A 11 -0.88 1.21 -2.14
C CYS A 11 -1.13 0.53 -3.46
N PHE A 12 -1.83 -0.57 -3.41
CA PHE A 12 -2.10 -1.35 -4.58
C PHE A 12 -3.38 -0.82 -5.24
N PRO A 13 -3.53 -1.00 -6.56
CA PRO A 13 -4.73 -0.53 -7.30
C PRO A 13 -6.01 -1.33 -6.96
N ASN A 14 -5.97 -2.08 -5.89
CA ASN A 14 -7.14 -2.76 -5.39
C ASN A 14 -7.79 -1.90 -4.31
N GLY A 1 -7.18 -0.56 -3.79
CA GLY A 1 -7.51 0.28 -2.67
C GLY A 1 -7.00 -0.29 -1.39
N LYS A 2 -5.73 -0.66 -1.37
CA LYS A 2 -5.13 -1.29 -0.22
C LYS A 2 -3.69 -0.85 -0.08
N CYS A 3 -3.33 -0.35 1.05
CA CYS A 3 -1.99 0.02 1.31
C CYS A 3 -1.33 -0.96 2.26
N LEU A 4 -0.11 -1.29 1.97
CA LEU A 4 0.70 -2.11 2.79
C LEU A 4 1.37 -1.18 3.77
N PHE A 5 1.28 -1.49 5.02
CA PHE A 5 1.79 -0.61 6.03
C PHE A 5 3.26 -0.87 6.31
N SER A 6 4.06 -0.25 5.49
CA SER A 6 5.49 -0.23 5.61
C SER A 6 5.96 1.10 5.03
N ASN A 7 7.25 1.30 4.91
CA ASN A 7 7.78 2.52 4.35
C ASN A 7 8.80 2.21 3.28
N PRO A 8 8.52 2.54 2.01
CA PRO A 8 7.29 3.23 1.59
C PRO A 8 6.06 2.28 1.54
N PRO A 9 4.86 2.83 1.72
CA PRO A 9 3.63 2.05 1.67
C PRO A 9 3.30 1.58 0.26
N ILE A 10 3.25 0.27 0.10
CA ILE A 10 2.89 -0.30 -1.18
C ILE A 10 1.39 -0.21 -1.30
N CYS A 11 0.91 0.64 -2.13
CA CYS A 11 -0.49 0.78 -2.28
C CYS A 11 -0.96 0.15 -3.57
N PHE A 12 -1.71 -0.90 -3.41
CA PHE A 12 -2.23 -1.69 -4.49
C PHE A 12 -3.43 -0.98 -5.09
N PRO A 13 -3.66 -1.13 -6.41
CA PRO A 13 -4.72 -0.40 -7.13
C PRO A 13 -6.15 -0.82 -6.76
N ASN A 14 -6.27 -1.80 -5.90
CA ASN A 14 -7.59 -2.26 -5.46
C ASN A 14 -8.06 -1.40 -4.29
N GLY A 1 -7.48 -1.23 -3.59
CA GLY A 1 -7.86 -0.82 -2.27
C GLY A 1 -7.00 -1.45 -1.22
N LYS A 2 -5.73 -1.50 -1.48
CA LYS A 2 -4.82 -2.12 -0.58
C LYS A 2 -3.58 -1.27 -0.37
N CYS A 3 -3.47 -0.69 0.78
CA CYS A 3 -2.27 0.02 1.13
C CYS A 3 -1.50 -0.78 2.16
N LEU A 4 -0.24 -0.94 1.90
CA LEU A 4 0.64 -1.63 2.77
C LEU A 4 1.25 -0.64 3.73
N PHE A 5 1.02 -0.85 5.00
CA PHE A 5 1.51 0.04 6.01
C PHE A 5 2.89 -0.39 6.46
N SER A 6 3.85 0.02 5.70
CA SER A 6 5.25 -0.26 5.91
C SER A 6 6.00 0.79 5.11
N ASN A 7 7.30 0.82 5.22
CA ASN A 7 8.08 1.75 4.44
C ASN A 7 8.86 0.95 3.40
N PRO A 8 8.84 1.36 2.13
CA PRO A 8 8.03 2.47 1.63
C PRO A 8 6.56 2.07 1.47
N PRO A 9 5.61 3.00 1.71
CA PRO A 9 4.17 2.72 1.61
C PRO A 9 3.78 2.30 0.20
N ILE A 10 3.25 1.11 0.07
CA ILE A 10 2.86 0.60 -1.22
C ILE A 10 1.36 0.50 -1.29
N CYS A 11 0.78 1.28 -2.14
CA CYS A 11 -0.64 1.23 -2.34
C CYS A 11 -0.95 0.64 -3.69
N PHE A 12 -1.74 -0.39 -3.66
CA PHE A 12 -2.19 -1.08 -4.81
C PHE A 12 -3.58 -0.57 -5.17
N PRO A 13 -3.94 -0.50 -6.47
CA PRO A 13 -5.22 0.08 -6.93
C PRO A 13 -6.45 -0.83 -6.71
N ASN A 14 -6.31 -1.82 -5.84
CA ASN A 14 -7.43 -2.68 -5.51
C ASN A 14 -7.91 -2.36 -4.11
N GLY A 1 -6.69 -0.27 -3.81
CA GLY A 1 -6.78 0.66 -2.72
C GLY A 1 -6.21 0.12 -1.42
N LYS A 2 -5.94 -1.17 -1.38
CA LYS A 2 -5.38 -1.81 -0.19
C LYS A 2 -3.94 -1.34 0.01
N CYS A 3 -3.69 -0.69 1.10
CA CYS A 3 -2.35 -0.22 1.36
C CYS A 3 -1.71 -1.02 2.46
N LEU A 4 -0.52 -1.49 2.18
CA LEU A 4 0.28 -2.23 3.10
C LEU A 4 1.23 -1.25 3.76
N PHE A 5 1.17 -1.17 5.06
CA PHE A 5 1.99 -0.24 5.80
C PHE A 5 3.42 -0.72 5.87
N SER A 6 4.25 -0.02 5.16
CA SER A 6 5.64 -0.33 5.02
C SER A 6 6.38 1.00 4.78
N ASN A 7 7.62 0.96 4.36
CA ASN A 7 8.38 2.18 4.10
C ASN A 7 9.02 2.12 2.73
N PRO A 8 8.42 2.75 1.68
CA PRO A 8 7.14 3.48 1.78
C PRO A 8 5.94 2.52 1.74
N PRO A 9 4.72 2.98 2.13
CA PRO A 9 3.53 2.13 2.12
C PRO A 9 3.19 1.70 0.71
N ILE A 10 2.83 0.47 0.55
CA ILE A 10 2.53 -0.08 -0.76
C ILE A 10 1.04 -0.07 -0.96
N CYS A 11 0.58 0.72 -1.87
CA CYS A 11 -0.83 0.75 -2.16
C CYS A 11 -1.10 -0.01 -3.42
N PHE A 12 -1.87 -1.04 -3.28
CA PHE A 12 -2.22 -1.88 -4.39
C PHE A 12 -3.32 -1.20 -5.20
N PRO A 13 -3.39 -1.49 -6.52
CA PRO A 13 -4.37 -0.88 -7.45
C PRO A 13 -5.82 -0.77 -6.92
N ASN A 14 -6.22 -1.72 -6.09
CA ASN A 14 -7.58 -1.74 -5.54
C ASN A 14 -7.78 -0.79 -4.35
N GLY A 1 -6.87 -0.49 -3.80
CA GLY A 1 -7.15 0.44 -2.74
C GLY A 1 -6.68 -0.04 -1.39
N LYS A 2 -5.73 -0.94 -1.37
CA LYS A 2 -5.19 -1.42 -0.13
C LYS A 2 -3.73 -1.06 -0.02
N CYS A 3 -3.37 -0.42 1.04
CA CYS A 3 -1.99 -0.06 1.26
C CYS A 3 -1.41 -0.91 2.38
N LEU A 4 -0.18 -1.31 2.20
CA LEU A 4 0.55 -2.01 3.22
C LEU A 4 1.22 -1.03 4.10
N PHE A 5 1.32 -1.35 5.34
CA PHE A 5 1.97 -0.49 6.33
C PHE A 5 3.48 -0.61 6.28
N SER A 6 3.99 -0.58 5.10
CA SER A 6 5.38 -0.60 4.86
C SER A 6 5.85 0.84 4.70
N ASN A 7 7.12 1.03 4.45
CA ASN A 7 7.65 2.34 4.17
C ASN A 7 8.71 2.19 3.09
N PRO A 8 8.46 2.65 1.84
CA PRO A 8 7.20 3.32 1.43
C PRO A 8 5.97 2.38 1.51
N PRO A 9 4.79 2.92 1.85
CA PRO A 9 3.55 2.13 1.93
C PRO A 9 3.14 1.65 0.55
N ILE A 10 3.11 0.36 0.37
CA ILE A 10 2.76 -0.22 -0.90
C ILE A 10 1.26 -0.14 -1.09
N CYS A 11 0.84 0.67 -2.01
CA CYS A 11 -0.56 0.84 -2.27
C CYS A 11 -0.94 0.14 -3.56
N PHE A 12 -1.75 -0.87 -3.43
CA PHE A 12 -2.20 -1.64 -4.56
C PHE A 12 -3.37 -0.93 -5.23
N PRO A 13 -3.56 -1.10 -6.56
CA PRO A 13 -4.65 -0.48 -7.34
C PRO A 13 -6.07 -0.90 -6.89
N ASN A 14 -6.13 -1.82 -5.96
CA ASN A 14 -7.39 -2.25 -5.38
C ASN A 14 -7.79 -1.34 -4.22
N GLY A 1 -6.95 -0.96 -3.81
CA GLY A 1 -7.45 0.02 -2.90
C GLY A 1 -6.86 -0.09 -1.51
N LYS A 2 -5.99 -1.04 -1.30
CA LYS A 2 -5.39 -1.22 0.01
C LYS A 2 -3.93 -0.84 0.00
N CYS A 3 -3.46 -0.33 1.10
CA CYS A 3 -2.08 0.06 1.22
C CYS A 3 -1.39 -0.80 2.25
N LEU A 4 -0.26 -1.32 1.88
CA LEU A 4 0.56 -2.08 2.78
C LEU A 4 1.45 -1.11 3.50
N PHE A 5 1.27 -1.01 4.77
CA PHE A 5 2.00 -0.08 5.57
C PHE A 5 3.32 -0.65 5.98
N SER A 6 4.31 -0.18 5.31
CA SER A 6 5.66 -0.55 5.50
C SER A 6 6.42 0.69 5.05
N ASN A 7 7.68 0.61 4.81
CA ASN A 7 8.39 1.76 4.27
C ASN A 7 8.88 1.39 2.88
N PRO A 8 8.30 1.96 1.82
CA PRO A 8 7.22 2.95 1.90
C PRO A 8 5.82 2.29 1.90
N PRO A 9 4.73 3.06 2.12
CA PRO A 9 3.38 2.52 2.04
C PRO A 9 3.07 2.12 0.60
N ILE A 10 2.87 0.86 0.39
CA ILE A 10 2.62 0.35 -0.93
C ILE A 10 1.12 0.29 -1.16
N CYS A 11 0.62 1.17 -1.97
CA CYS A 11 -0.80 1.19 -2.25
C CYS A 11 -1.09 0.47 -3.52
N PHE A 12 -1.79 -0.61 -3.40
CA PHE A 12 -2.12 -1.43 -4.53
C PHE A 12 -3.39 -0.89 -5.17
N PRO A 13 -3.55 -1.02 -6.50
CA PRO A 13 -4.74 -0.52 -7.23
C PRO A 13 -6.05 -1.14 -6.75
N ASN A 14 -5.96 -2.21 -5.95
CA ASN A 14 -7.13 -2.83 -5.34
C ASN A 14 -7.74 -1.91 -4.28
N GLY A 1 -7.11 -0.78 -3.68
CA GLY A 1 -7.58 0.24 -2.78
C GLY A 1 -7.08 0.04 -1.37
N LYS A 2 -6.04 -0.76 -1.24
CA LYS A 2 -5.45 -0.98 0.05
C LYS A 2 -3.95 -0.78 -0.04
N CYS A 3 -3.41 -0.10 0.93
CA CYS A 3 -2.00 0.10 0.97
C CYS A 3 -1.40 -0.86 1.96
N LEU A 4 -0.25 -1.36 1.63
CA LEU A 4 0.50 -2.18 2.51
C LEU A 4 1.41 -1.27 3.26
N PHE A 5 1.11 -1.09 4.50
CA PHE A 5 1.83 -0.18 5.32
C PHE A 5 3.18 -0.74 5.68
N SER A 6 4.17 -0.10 5.16
CA SER A 6 5.52 -0.49 5.27
C SER A 6 6.31 0.82 5.11
N ASN A 7 7.56 0.72 4.83
CA ASN A 7 8.37 1.89 4.55
C ASN A 7 8.98 1.76 3.16
N PRO A 8 8.41 2.41 2.14
CA PRO A 8 7.17 3.21 2.22
C PRO A 8 5.92 2.32 2.03
N PRO A 9 4.70 2.83 2.37
CA PRO A 9 3.46 2.09 2.14
C PRO A 9 3.20 1.86 0.66
N ILE A 10 3.12 0.61 0.28
CA ILE A 10 2.90 0.25 -1.11
C ILE A 10 1.40 0.21 -1.35
N CYS A 11 0.91 1.10 -2.13
CA CYS A 11 -0.50 1.17 -2.40
C CYS A 11 -0.87 0.40 -3.65
N PHE A 12 -1.65 -0.64 -3.46
CA PHE A 12 -2.06 -1.50 -4.54
C PHE A 12 -3.37 -1.00 -5.13
N PRO A 13 -3.62 -1.26 -6.43
CA PRO A 13 -4.84 -0.80 -7.14
C PRO A 13 -6.15 -1.40 -6.61
N ASN A 14 -6.08 -2.23 -5.59
CA ASN A 14 -7.28 -2.81 -4.97
C ASN A 14 -7.88 -1.81 -3.99
N GLY A 1 -6.71 -0.56 -3.84
CA GLY A 1 -7.00 0.59 -3.00
C GLY A 1 -6.41 0.49 -1.62
N LYS A 2 -6.06 -0.69 -1.21
CA LYS A 2 -5.50 -0.90 0.11
C LYS A 2 -4.00 -0.68 0.11
N CYS A 3 -3.49 -0.21 1.22
CA CYS A 3 -2.08 0.07 1.33
C CYS A 3 -1.39 -0.87 2.30
N LEU A 4 -0.20 -1.27 1.95
CA LEU A 4 0.63 -2.13 2.76
C LEU A 4 1.42 -1.25 3.72
N PHE A 5 1.35 -1.58 4.99
CA PHE A 5 2.05 -0.79 5.99
C PHE A 5 3.49 -1.23 6.15
N SER A 6 4.28 -0.79 5.22
CA SER A 6 5.70 -0.99 5.21
C SER A 6 6.24 0.13 4.34
N ASN A 7 6.88 1.09 4.96
CA ASN A 7 7.37 2.27 4.24
C ASN A 7 8.45 1.95 3.24
N PRO A 8 8.37 2.51 2.02
CA PRO A 8 7.26 3.42 1.62
C PRO A 8 5.97 2.63 1.35
N PRO A 9 4.82 3.12 1.90
CA PRO A 9 3.54 2.41 1.82
C PRO A 9 3.12 2.08 0.39
N ILE A 10 3.05 0.81 0.10
CA ILE A 10 2.64 0.32 -1.19
C ILE A 10 1.13 0.28 -1.25
N CYS A 11 0.55 1.16 -2.00
CA CYS A 11 -0.86 1.14 -2.18
C CYS A 11 -1.19 0.39 -3.43
N PHE A 12 -1.79 -0.76 -3.23
CA PHE A 12 -2.09 -1.70 -4.28
C PHE A 12 -3.25 -1.15 -5.13
N PRO A 13 -3.39 -1.60 -6.41
CA PRO A 13 -4.46 -1.15 -7.32
C PRO A 13 -5.88 -1.39 -6.75
N ASN A 14 -6.01 -2.29 -5.79
CA ASN A 14 -7.28 -2.55 -5.13
C ASN A 14 -7.66 -1.43 -4.16
N GLY A 1 -7.33 -1.27 -3.73
CA GLY A 1 -7.76 -0.89 -2.41
C GLY A 1 -7.02 -1.63 -1.33
N LYS A 2 -5.71 -1.53 -1.37
CA LYS A 2 -4.87 -2.19 -0.39
C LYS A 2 -3.61 -1.36 -0.22
N CYS A 3 -3.24 -1.09 0.99
CA CYS A 3 -2.04 -0.33 1.25
C CYS A 3 -1.14 -1.00 2.24
N LEU A 4 0.13 -0.90 2.01
CA LEU A 4 1.08 -1.32 2.98
C LEU A 4 1.39 -0.16 3.84
N PHE A 5 1.51 -0.41 5.09
CA PHE A 5 1.76 0.64 6.06
C PHE A 5 3.20 0.57 6.52
N SER A 6 3.90 -0.36 5.94
CA SER A 6 5.29 -0.50 6.11
C SER A 6 5.96 0.29 5.01
N ASN A 7 7.11 0.86 5.28
CA ASN A 7 7.79 1.68 4.29
C ASN A 7 8.63 0.82 3.36
N PRO A 8 8.62 1.11 2.04
CA PRO A 8 7.79 2.18 1.44
C PRO A 8 6.32 1.77 1.36
N PRO A 9 5.38 2.66 1.72
CA PRO A 9 3.96 2.36 1.71
C PRO A 9 3.42 2.18 0.30
N ILE A 10 3.19 0.95 -0.08
CA ILE A 10 2.67 0.66 -1.39
C ILE A 10 1.16 0.59 -1.34
N CYS A 11 0.53 1.46 -2.05
CA CYS A 11 -0.88 1.41 -2.20
C CYS A 11 -1.22 0.86 -3.57
N PHE A 12 -1.92 -0.22 -3.56
CA PHE A 12 -2.29 -0.92 -4.75
C PHE A 12 -3.63 -0.39 -5.24
N PRO A 13 -3.87 -0.42 -6.57
CA PRO A 13 -5.10 0.13 -7.18
C PRO A 13 -6.34 -0.72 -6.93
N ASN A 14 -6.20 -1.71 -6.07
CA ASN A 14 -7.27 -2.63 -5.72
C ASN A 14 -7.79 -2.36 -4.31
N GLY A 1 -7.02 -0.97 -3.60
CA GLY A 1 -7.29 -0.12 -2.45
C GLY A 1 -6.51 -0.56 -1.24
N LYS A 2 -5.58 -1.45 -1.45
CA LYS A 2 -4.78 -1.97 -0.38
C LYS A 2 -3.51 -1.16 -0.25
N CYS A 3 -3.33 -0.53 0.86
CA CYS A 3 -2.11 0.18 1.12
C CYS A 3 -1.31 -0.55 2.19
N LEU A 4 -0.02 -0.60 1.99
CA LEU A 4 0.88 -1.27 2.89
C LEU A 4 1.31 -0.36 3.99
N PHE A 5 1.48 -0.95 5.14
CA PHE A 5 1.91 -0.22 6.31
C PHE A 5 3.41 -0.29 6.48
N SER A 6 4.03 -1.10 5.66
CA SER A 6 5.46 -1.18 5.62
C SER A 6 5.97 -0.02 4.80
N ASN A 7 6.96 0.66 5.29
CA ASN A 7 7.52 1.81 4.59
C ASN A 7 8.59 1.31 3.63
N PRO A 8 8.62 1.76 2.36
CA PRO A 8 7.68 2.75 1.82
C PRO A 8 6.29 2.15 1.56
N PRO A 9 5.20 2.87 1.89
CA PRO A 9 3.84 2.35 1.72
C PRO A 9 3.39 2.34 0.26
N ILE A 10 3.16 1.17 -0.29
CA ILE A 10 2.64 1.07 -1.63
C ILE A 10 1.14 0.89 -1.53
N CYS A 11 0.44 1.58 -2.38
CA CYS A 11 -0.97 1.40 -2.50
C CYS A 11 -1.24 0.69 -3.80
N PHE A 12 -1.94 -0.39 -3.71
CA PHE A 12 -2.24 -1.22 -4.85
C PHE A 12 -3.62 -0.84 -5.40
N PRO A 13 -3.89 -1.13 -6.71
CA PRO A 13 -5.15 -0.76 -7.39
C PRO A 13 -6.43 -1.30 -6.72
N ASN A 14 -6.28 -2.24 -5.82
CA ASN A 14 -7.41 -2.82 -5.12
C ASN A 14 -7.74 -2.05 -3.84
N GLY A 1 -6.98 -0.62 -3.75
CA GLY A 1 -7.05 0.14 -2.55
C GLY A 1 -6.57 -0.70 -1.41
N LYS A 2 -5.41 -1.26 -1.59
CA LYS A 2 -4.81 -2.12 -0.58
C LYS A 2 -3.43 -1.60 -0.27
N CYS A 3 -3.32 -0.88 0.82
CA CYS A 3 -2.07 -0.28 1.22
C CYS A 3 -1.42 -1.05 2.34
N LEU A 4 -0.13 -1.12 2.28
CA LEU A 4 0.67 -1.71 3.31
C LEU A 4 1.24 -0.64 4.15
N PHE A 5 1.37 -0.91 5.41
CA PHE A 5 1.84 0.06 6.38
C PHE A 5 3.37 0.00 6.50
N SER A 6 3.98 -0.39 5.42
CA SER A 6 5.40 -0.54 5.31
C SER A 6 6.03 0.82 4.94
N ASN A 7 7.33 0.81 4.76
CA ASN A 7 8.08 1.96 4.29
C ASN A 7 8.88 1.56 3.07
N PRO A 8 8.53 2.04 1.86
CA PRO A 8 7.39 2.96 1.64
C PRO A 8 6.02 2.21 1.69
N PRO A 9 4.92 2.92 1.95
CA PRO A 9 3.61 2.31 2.02
C PRO A 9 3.07 2.04 0.62
N ILE A 10 3.24 0.82 0.17
CA ILE A 10 2.80 0.43 -1.16
C ILE A 10 1.28 0.33 -1.18
N CYS A 11 0.68 0.85 -2.22
CA CYS A 11 -0.75 0.82 -2.37
C CYS A 11 -1.13 0.20 -3.69
N PHE A 12 -1.81 -0.91 -3.63
CA PHE A 12 -2.26 -1.60 -4.80
C PHE A 12 -3.56 -0.97 -5.29
N PRO A 13 -3.85 -1.06 -6.63
CA PRO A 13 -4.96 -0.32 -7.31
C PRO A 13 -6.35 -0.61 -6.77
N ASN A 14 -6.51 -1.71 -6.07
CA ASN A 14 -7.78 -2.07 -5.49
C ASN A 14 -8.01 -1.29 -4.21
N GLY A 1 -7.04 -0.51 -3.95
CA GLY A 1 -7.46 0.45 -2.97
C GLY A 1 -7.15 0.01 -1.56
N LYS A 2 -5.95 -0.48 -1.37
CA LYS A 2 -5.48 -0.83 -0.05
C LYS A 2 -3.99 -0.60 0.00
N CYS A 3 -3.52 -0.18 1.13
CA CYS A 3 -2.13 0.00 1.33
C CYS A 3 -1.63 -1.00 2.35
N LEU A 4 -0.43 -1.45 2.15
CA LEU A 4 0.27 -2.27 3.07
C LEU A 4 1.30 -1.41 3.75
N PHE A 5 1.18 -1.34 5.05
CA PHE A 5 2.08 -0.56 5.86
C PHE A 5 3.53 -1.03 5.73
N SER A 6 4.36 -0.13 5.29
CA SER A 6 5.76 -0.35 5.05
C SER A 6 6.34 1.02 4.80
N ASN A 7 7.61 1.12 4.48
CA ASN A 7 8.20 2.42 4.17
C ASN A 7 8.92 2.35 2.83
N PRO A 8 8.33 2.86 1.73
CA PRO A 8 7.00 3.49 1.72
C PRO A 8 5.86 2.44 1.71
N PRO A 9 4.64 2.83 2.11
CA PRO A 9 3.49 1.92 2.10
C PRO A 9 3.20 1.43 0.70
N ILE A 10 2.96 0.15 0.58
CA ILE A 10 2.69 -0.42 -0.71
C ILE A 10 1.22 -0.30 -0.96
N CYS A 11 0.85 0.57 -1.83
CA CYS A 11 -0.53 0.77 -2.15
C CYS A 11 -0.86 0.11 -3.45
N PHE A 12 -1.70 -0.88 -3.39
CA PHE A 12 -2.06 -1.65 -4.55
C PHE A 12 -3.22 -0.93 -5.26
N PRO A 13 -3.46 -1.21 -6.56
CA PRO A 13 -4.55 -0.57 -7.33
C PRO A 13 -5.96 -1.02 -6.87
N ASN A 14 -6.01 -1.91 -5.90
CA ASN A 14 -7.26 -2.43 -5.37
C ASN A 14 -7.82 -1.50 -4.29
N GLY A 1 -7.04 -0.96 -3.91
CA GLY A 1 -7.71 -0.01 -3.04
C GLY A 1 -7.23 -0.05 -1.60
N LYS A 2 -6.27 -0.91 -1.32
CA LYS A 2 -5.72 -0.99 0.01
C LYS A 2 -4.25 -0.62 0.02
N CYS A 3 -3.84 0.07 1.05
CA CYS A 3 -2.46 0.41 1.21
C CYS A 3 -1.87 -0.45 2.31
N LEU A 4 -0.76 -1.06 2.00
CA LEU A 4 -0.08 -1.91 2.92
C LEU A 4 1.03 -1.14 3.59
N PHE A 5 1.11 -1.28 4.88
CA PHE A 5 2.15 -0.66 5.63
C PHE A 5 3.48 -1.33 5.31
N SER A 6 4.41 -0.52 4.94
CA SER A 6 5.69 -0.90 4.51
C SER A 6 6.54 0.35 4.61
N ASN A 7 7.73 0.35 4.10
CA ASN A 7 8.53 1.55 4.12
C ASN A 7 9.20 1.76 2.76
N PRO A 8 8.66 2.65 1.91
CA PRO A 8 7.44 3.45 2.18
C PRO A 8 6.14 2.63 1.98
N PRO A 9 4.97 3.15 2.44
CA PRO A 9 3.67 2.47 2.29
C PRO A 9 3.37 2.12 0.83
N ILE A 10 2.80 0.96 0.62
CA ILE A 10 2.51 0.51 -0.71
C ILE A 10 1.01 0.50 -0.93
N CYS A 11 0.55 1.36 -1.77
CA CYS A 11 -0.83 1.37 -2.12
C CYS A 11 -1.05 0.55 -3.36
N PHE A 12 -1.70 -0.58 -3.18
CA PHE A 12 -1.94 -1.49 -4.25
C PHE A 12 -3.15 -1.05 -5.05
N PRO A 13 -3.21 -1.36 -6.35
CA PRO A 13 -4.33 -0.99 -7.25
C PRO A 13 -5.66 -1.70 -6.91
N ASN A 14 -5.72 -2.31 -5.75
CA ASN A 14 -6.91 -2.96 -5.26
C ASN A 14 -7.67 -2.05 -4.31
N GLY A 1 -6.90 -1.45 -3.61
CA GLY A 1 -7.47 -0.65 -2.55
C GLY A 1 -6.77 -0.90 -1.24
N LYS A 2 -5.58 -1.44 -1.30
CA LYS A 2 -4.85 -1.72 -0.10
C LYS A 2 -3.52 -0.99 -0.12
N CYS A 3 -3.27 -0.26 0.92
CA CYS A 3 -2.02 0.41 1.10
C CYS A 3 -1.19 -0.36 2.10
N LEU A 4 0.10 -0.28 1.97
CA LEU A 4 1.01 -0.97 2.84
C LEU A 4 1.32 -0.17 4.05
N PHE A 5 1.50 -0.87 5.12
CA PHE A 5 1.84 -0.26 6.39
C PHE A 5 3.33 -0.41 6.62
N SER A 6 3.95 -1.13 5.73
CA SER A 6 5.35 -1.30 5.71
C SER A 6 5.95 -0.10 4.96
N ASN A 7 7.24 -0.01 4.91
CA ASN A 7 7.89 1.07 4.22
C ASN A 7 8.53 0.59 2.95
N PRO A 8 8.25 1.24 1.81
CA PRO A 8 7.36 2.42 1.74
C PRO A 8 5.88 2.03 1.67
N PRO A 9 4.97 2.91 2.10
CA PRO A 9 3.53 2.67 2.02
C PRO A 9 3.04 2.77 0.58
N ILE A 10 3.04 1.66 -0.10
CA ILE A 10 2.59 1.58 -1.47
C ILE A 10 1.10 1.27 -1.48
N CYS A 11 0.37 1.95 -2.33
CA CYS A 11 -1.04 1.72 -2.47
C CYS A 11 -1.29 1.05 -3.80
N PHE A 12 -1.82 -0.13 -3.76
CA PHE A 12 -2.07 -0.91 -4.95
C PHE A 12 -3.50 -0.65 -5.42
N PRO A 13 -3.81 -0.89 -6.73
CA PRO A 13 -5.16 -0.67 -7.31
C PRO A 13 -6.25 -1.53 -6.69
N ASN A 14 -5.85 -2.44 -5.82
CA ASN A 14 -6.78 -3.33 -5.13
C ASN A 14 -7.45 -2.60 -3.98
N GLY A 1 -6.98 -0.87 -3.70
CA GLY A 1 -7.34 -0.16 -2.49
C GLY A 1 -6.46 -0.51 -1.31
N LYS A 2 -5.90 -1.71 -1.32
CA LYS A 2 -5.06 -2.17 -0.23
C LYS A 2 -3.76 -1.39 -0.16
N CYS A 3 -3.46 -0.89 1.00
CA CYS A 3 -2.23 -0.21 1.23
C CYS A 3 -1.53 -0.84 2.39
N LEU A 4 -0.29 -1.17 2.22
CA LEU A 4 0.48 -1.74 3.29
C LEU A 4 1.17 -0.67 4.01
N PHE A 5 1.16 -0.78 5.29
CA PHE A 5 1.82 0.17 6.12
C PHE A 5 3.27 -0.24 6.25
N SER A 6 3.93 -0.19 5.14
CA SER A 6 5.31 -0.49 5.05
C SER A 6 6.08 0.80 4.78
N ASN A 7 7.38 0.70 4.66
CA ASN A 7 8.21 1.87 4.40
C ASN A 7 9.06 1.57 3.18
N PRO A 8 8.75 2.17 2.01
CA PRO A 8 7.62 3.09 1.81
C PRO A 8 6.29 2.32 1.69
N PRO A 9 5.14 3.00 1.86
CA PRO A 9 3.83 2.36 1.75
C PRO A 9 3.61 1.79 0.36
N ILE A 10 2.88 0.72 0.27
CA ILE A 10 2.57 0.11 -0.99
C ILE A 10 1.08 0.14 -1.16
N CYS A 11 0.60 0.96 -2.04
CA CYS A 11 -0.79 1.01 -2.34
C CYS A 11 -1.07 0.31 -3.62
N PHE A 12 -1.86 -0.70 -3.53
CA PHE A 12 -2.26 -1.48 -4.64
C PHE A 12 -3.51 -0.81 -5.23
N PRO A 13 -3.65 -0.80 -6.56
CA PRO A 13 -4.78 -0.14 -7.27
C PRO A 13 -6.17 -0.62 -6.84
N ASN A 14 -6.22 -1.74 -6.15
CA ASN A 14 -7.48 -2.28 -5.65
C ASN A 14 -7.90 -1.58 -4.35
N GLY A 1 -7.10 -0.82 -3.81
CA GLY A 1 -7.44 -0.12 -2.59
C GLY A 1 -6.87 -0.79 -1.36
N LYS A 2 -5.58 -1.07 -1.40
CA LYS A 2 -4.92 -1.70 -0.26
C LYS A 2 -3.54 -1.10 -0.07
N CYS A 3 -3.32 -0.44 1.03
CA CYS A 3 -2.02 0.10 1.34
C CYS A 3 -1.39 -0.70 2.45
N LEU A 4 -0.14 -1.05 2.28
CA LEU A 4 0.57 -1.78 3.30
C LEU A 4 1.16 -0.85 4.26
N PHE A 5 1.19 -1.25 5.47
CA PHE A 5 1.85 -0.51 6.50
C PHE A 5 3.34 -0.83 6.39
N SER A 6 3.90 -0.34 5.33
CA SER A 6 5.27 -0.52 5.02
C SER A 6 5.86 0.83 4.71
N ASN A 7 7.17 0.90 4.64
CA ASN A 7 7.88 2.10 4.28
C ASN A 7 8.84 1.73 3.17
N PRO A 8 8.62 2.18 1.91
CA PRO A 8 7.49 3.05 1.52
C PRO A 8 6.14 2.29 1.52
N PRO A 9 5.00 2.99 1.67
CA PRO A 9 3.69 2.38 1.72
C PRO A 9 3.21 1.95 0.33
N ILE A 10 3.26 0.67 0.09
CA ILE A 10 2.80 0.11 -1.16
C ILE A 10 1.28 0.16 -1.20
N CYS A 11 0.75 0.88 -2.12
CA CYS A 11 -0.67 1.00 -2.28
C CYS A 11 -1.09 0.34 -3.57
N PHE A 12 -1.78 -0.75 -3.42
CA PHE A 12 -2.24 -1.54 -4.53
C PHE A 12 -3.46 -0.87 -5.16
N PRO A 13 -3.62 -0.94 -6.51
CA PRO A 13 -4.70 -0.25 -7.24
C PRO A 13 -6.12 -0.79 -6.96
N ASN A 14 -6.22 -1.76 -6.08
CA ASN A 14 -7.51 -2.29 -5.68
C ASN A 14 -7.94 -1.69 -4.35
N GLY A 1 -8.26 -0.79 -3.44
CA GLY A 1 -8.42 0.24 -2.43
C GLY A 1 -7.85 -0.17 -1.08
N LYS A 2 -6.57 -0.43 -1.05
CA LYS A 2 -5.89 -0.84 0.17
C LYS A 2 -4.38 -0.67 -0.02
N CYS A 3 -3.73 -0.19 1.01
CA CYS A 3 -2.30 -0.03 0.99
C CYS A 3 -1.68 -0.95 2.02
N LEU A 4 -0.47 -1.37 1.78
CA LEU A 4 0.27 -2.21 2.70
C LEU A 4 1.16 -1.32 3.55
N PHE A 5 1.16 -1.58 4.85
CA PHE A 5 1.98 -0.83 5.76
C PHE A 5 3.43 -1.22 5.59
N SER A 6 4.19 -0.31 5.03
CA SER A 6 5.58 -0.51 4.77
C SER A 6 6.19 0.88 4.77
N ASN A 7 7.46 0.99 4.60
CA ASN A 7 8.13 2.27 4.59
C ASN A 7 9.16 2.29 3.46
N PRO A 8 8.86 2.93 2.30
CA PRO A 8 7.57 3.63 2.03
C PRO A 8 6.41 2.64 1.84
N PRO A 9 5.15 3.07 2.05
CA PRO A 9 3.99 2.19 1.93
C PRO A 9 3.79 1.68 0.51
N ILE A 10 3.06 0.61 0.36
CA ILE A 10 2.80 0.07 -0.96
C ILE A 10 1.32 0.09 -1.20
N CYS A 11 0.86 0.95 -2.04
CA CYS A 11 -0.54 0.99 -2.37
C CYS A 11 -0.82 0.16 -3.58
N PHE A 12 -1.64 -0.84 -3.40
CA PHE A 12 -1.95 -1.80 -4.42
C PHE A 12 -2.98 -1.22 -5.40
N PRO A 13 -3.25 -1.87 -6.56
CA PRO A 13 -4.26 -1.38 -7.53
C PRO A 13 -5.69 -1.34 -6.95
N ASN A 14 -5.90 -1.97 -5.81
CA ASN A 14 -7.18 -1.97 -5.17
C ASN A 14 -7.17 -0.92 -4.09
#